data_1NR0
#
_entry.id   1NR0
#
_cell.length_a   64.845
_cell.length_b   65.174
_cell.length_c   69.240
_cell.angle_alpha   90.00
_cell.angle_beta   98.28
_cell.angle_gamma   90.00
#
_symmetry.space_group_name_H-M   'P 1 21 1'
#
loop_
_entity.id
_entity.type
_entity.pdbx_description
1 polymer 'Actin interacting protein 1'
2 non-polymer 'MANGANESE (II) ION'
3 water water
#
_entity_poly.entity_id   1
_entity_poly.type   'polypeptide(L)'
_entity_poly.pdbx_seq_one_letter_code
;MSEFSQTALFPSLPRTARGTAVVLGNTPAGDKIQYCNGTSVYTVPVGSLTDTEIYTEHSHQTTVAKTSPSGYYCASGDVH
GNVRIWDTTQTTHILKTTIPVFSGPVKDISWDSESKRIAAVGEGRERFGHVFLFDTGTSNGNLTGQARAMNSVDFKPSRP
FRIISGSDDNTVAIFEGPPFKFKSTFGEHTKFVHSVRYNPDGSLFASTGGDGTIVLYNGVDGTKTGVFEDDSLKNVAHSG
SVFGLTWSPDGTKIASASADKTIKIWNVATLKVEKTIPVGTRIEDQQLGIIWTKQALVSISANGFINFVNPELGSIDQVR
YGHNKAITALSSSADGKTLFSADAEGHINSWDISTGISNRVFPDVHATMITGIKTTSKGDLFTVSWDDHLKVVPAGGSGV
DSSKAVANKLSSQPLGLAVSADGDIAVAACYKHIAIYSHGKLTEVPISYNSSCVALSNDKQFVAVGGQDSKVHVYKLSGA
SVSEVKTIVHPAEITSVAFSNNGAFLVATDQSRKVIPYSVANNFELAHTNSWTFHTAKVACVSWSPDNVRLATGSLDNSV
IVWNMNKPSDHPIIIKGAHAMSSVNSVIWLNETTIVSAGQDSNIKFWNVPF
;
_entity_poly.pdbx_strand_id   A
#
loop_
_chem_comp.id
_chem_comp.type
_chem_comp.name
_chem_comp.formula
MN non-polymer 'MANGANESE (II) ION' 'Mn 2'
#
# COMPACT_ATOMS: atom_id res chain seq x y z
N SER A 2 -22.26 -2.82 -14.88
CA SER A 2 -23.45 -3.72 -14.89
C SER A 2 -22.99 -5.17 -14.72
N GLU A 3 -21.89 -5.48 -15.40
CA GLU A 3 -21.34 -6.82 -15.39
C GLU A 3 -20.57 -7.23 -14.14
N PHE A 4 -20.22 -6.25 -13.31
CA PHE A 4 -19.41 -6.54 -12.13
C PHE A 4 -19.49 -5.37 -11.17
N SER A 5 -19.03 -5.59 -9.95
CA SER A 5 -18.99 -4.51 -8.98
C SER A 5 -17.92 -4.81 -7.96
N GLN A 6 -17.23 -3.79 -7.48
CA GLN A 6 -16.21 -3.98 -6.47
C GLN A 6 -16.96 -4.05 -5.15
N THR A 7 -16.80 -5.15 -4.43
CA THR A 7 -17.50 -5.33 -3.15
C THR A 7 -16.66 -5.00 -1.93
N ALA A 8 -15.35 -4.96 -2.09
CA ALA A 8 -14.47 -4.67 -0.97
C ALA A 8 -13.06 -4.31 -1.44
N LEU A 9 -12.35 -3.61 -0.57
CA LEU A 9 -10.96 -3.19 -0.82
C LEU A 9 -10.16 -3.38 0.47
N PHE A 10 -9.02 -4.07 0.38
CA PHE A 10 -8.12 -4.21 1.52
C PHE A 10 -7.05 -3.28 0.94
N PRO A 11 -7.04 -2.02 1.38
CA PRO A 11 -6.11 -1.01 0.89
C PRO A 11 -4.65 -1.00 1.27
N SER A 12 -3.89 -0.37 0.37
CA SER A 12 -2.47 -0.15 0.54
C SER A 12 -2.24 0.65 1.80
N LEU A 13 -1.10 0.42 2.44
CA LEU A 13 -0.72 1.18 3.62
C LEU A 13 -0.07 2.44 3.06
N PRO A 14 0.19 3.42 3.92
CA PRO A 14 0.81 4.63 3.40
C PRO A 14 2.26 4.37 3.02
N ARG A 15 2.74 5.11 2.03
CA ARG A 15 4.13 5.01 1.63
C ARG A 15 4.95 5.56 2.80
N THR A 16 6.02 4.86 3.16
CA THR A 16 6.89 5.34 4.24
C THR A 16 8.34 5.12 3.87
N ALA A 17 9.20 5.93 4.45
CA ALA A 17 10.65 5.82 4.21
C ALA A 17 11.27 6.03 5.57
N ARG A 18 12.27 5.22 5.91
CA ARG A 18 12.92 5.35 7.21
C ARG A 18 13.30 6.79 7.51
N GLY A 19 13.07 7.20 8.76
CA GLY A 19 13.42 8.54 9.20
C GLY A 19 12.82 9.68 8.42
N THR A 20 11.65 9.46 7.83
CA THR A 20 10.97 10.48 7.02
C THR A 20 9.56 10.64 7.55
N ALA A 21 9.12 11.88 7.80
CA ALA A 21 7.76 12.09 8.31
C ALA A 21 6.70 11.74 7.29
N VAL A 22 5.58 11.22 7.78
CA VAL A 22 4.42 10.88 6.95
C VAL A 22 3.34 11.85 7.41
N VAL A 23 2.68 12.52 6.47
CA VAL A 23 1.66 13.47 6.85
C VAL A 23 0.29 12.97 6.47
N LEU A 24 -0.62 13.04 7.42
CA LEU A 24 -1.98 12.57 7.26
C LEU A 24 -3.01 13.70 7.13
N GLY A 25 -4.14 13.36 6.52
CA GLY A 25 -5.24 14.31 6.37
C GLY A 25 -6.46 13.67 7.01
N ASN A 26 -7.58 14.39 7.00
CA ASN A 26 -8.82 13.84 7.57
C ASN A 26 -10.06 14.58 7.13
N THR A 27 -11.20 13.91 7.21
CA THR A 27 -12.47 14.52 6.86
C THR A 27 -12.93 15.32 8.09
N PRO A 28 -13.73 16.36 7.87
CA PRO A 28 -14.23 17.22 8.96
C PRO A 28 -14.69 16.48 10.23
N ALA A 29 -15.54 15.48 10.05
CA ALA A 29 -16.06 14.74 11.19
C ALA A 29 -15.04 13.81 11.81
N GLY A 30 -13.91 13.61 11.12
CA GLY A 30 -12.88 12.73 11.66
C GLY A 30 -13.14 11.25 11.46
N ASP A 31 -14.12 10.92 10.63
CA ASP A 31 -14.46 9.54 10.38
C ASP A 31 -13.55 8.86 9.37
N LYS A 32 -12.70 9.63 8.71
CA LYS A 32 -11.79 9.06 7.72
C LYS A 32 -10.47 9.80 7.78
N ILE A 33 -9.39 9.05 7.56
CA ILE A 33 -8.07 9.66 7.53
C ILE A 33 -7.62 9.60 6.08
N GLN A 34 -6.57 10.32 5.75
CA GLN A 34 -6.08 10.31 4.39
C GLN A 34 -4.58 10.20 4.40
N TYR A 35 -4.07 9.40 3.46
CA TYR A 35 -2.63 9.23 3.30
C TYR A 35 -2.36 8.86 1.84
N CYS A 36 -1.09 8.85 1.47
CA CYS A 36 -0.71 8.58 0.10
C CYS A 36 0.21 7.41 -0.13
N ASN A 37 0.09 6.83 -1.32
CA ASN A 37 1.00 5.78 -1.78
C ASN A 37 0.88 5.76 -3.29
N GLY A 38 1.97 5.38 -3.98
CA GLY A 38 1.93 5.37 -5.43
C GLY A 38 1.56 6.77 -5.92
N THR A 39 0.64 6.85 -6.88
CA THR A 39 0.20 8.17 -7.39
C THR A 39 -1.22 8.40 -6.90
N SER A 40 -1.55 7.73 -5.80
CA SER A 40 -2.89 7.79 -5.24
C SER A 40 -3.07 8.46 -3.89
N VAL A 41 -4.32 8.82 -3.62
CA VAL A 41 -4.70 9.40 -2.35
C VAL A 41 -5.74 8.45 -1.80
N TYR A 42 -5.52 7.97 -0.57
CA TYR A 42 -6.44 7.04 0.09
C TYR A 42 -7.22 7.74 1.19
N THR A 43 -8.55 7.57 1.18
CA THR A 43 -9.41 8.15 2.20
C THR A 43 -9.92 6.90 2.88
N VAL A 44 -9.34 6.64 4.05
CA VAL A 44 -9.59 5.43 4.84
C VAL A 44 -10.50 5.64 6.03
N PRO A 45 -11.63 4.94 6.07
CA PRO A 45 -12.55 5.08 7.18
C PRO A 45 -12.08 4.49 8.50
N VAL A 46 -12.38 5.17 9.59
CA VAL A 46 -11.98 4.67 10.90
C VAL A 46 -12.87 3.48 11.28
N GLY A 47 -14.10 3.46 10.78
CA GLY A 47 -15.02 2.37 11.13
C GLY A 47 -15.28 1.28 10.10
N SER A 48 -14.41 1.16 9.11
CA SER A 48 -14.58 0.13 8.09
C SER A 48 -13.25 -0.33 7.54
N LEU A 49 -13.12 -1.64 7.34
CA LEU A 49 -11.89 -2.21 6.80
C LEU A 49 -12.04 -2.54 5.32
N THR A 50 -13.20 -2.25 4.76
CA THR A 50 -13.46 -2.58 3.37
C THR A 50 -13.91 -1.46 2.43
N ASP A 51 -14.22 -0.29 2.98
CA ASP A 51 -14.74 0.80 2.15
C ASP A 51 -13.83 1.99 1.90
N THR A 52 -12.53 1.76 1.91
CA THR A 52 -11.61 2.85 1.62
C THR A 52 -11.86 3.34 0.19
N GLU A 53 -11.70 4.65 -0.02
CA GLU A 53 -11.88 5.27 -1.31
C GLU A 53 -10.48 5.63 -1.83
N ILE A 54 -10.31 5.63 -3.14
CA ILE A 54 -9.02 5.94 -3.74
C ILE A 54 -9.18 6.99 -4.85
N TYR A 55 -8.26 7.95 -4.92
CA TYR A 55 -8.29 8.98 -5.97
C TYR A 55 -6.98 8.76 -6.70
N THR A 56 -7.01 8.48 -8.00
CA THR A 56 -5.75 8.23 -8.70
C THR A 56 -5.65 9.05 -9.97
N GLU A 57 -5.18 10.28 -9.86
CA GLU A 57 -5.07 11.16 -11.03
C GLU A 57 -3.74 11.86 -11.15
N HIS A 58 -2.94 11.85 -10.08
CA HIS A 58 -1.60 12.44 -10.13
C HIS A 58 -0.76 11.54 -11.04
N SER A 59 0.20 12.12 -11.75
CA SER A 59 1.07 11.33 -12.61
C SER A 59 2.37 11.05 -11.87
N HIS A 60 2.63 11.86 -10.83
CA HIS A 60 3.83 11.70 -10.02
C HIS A 60 3.44 11.18 -8.63
N GLN A 61 4.41 10.60 -7.93
CA GLN A 61 4.18 10.06 -6.59
C GLN A 61 3.58 11.11 -5.66
N THR A 62 2.48 10.72 -5.02
CA THR A 62 1.78 11.60 -4.09
C THR A 62 2.51 11.69 -2.76
N THR A 63 2.45 12.86 -2.14
CA THR A 63 3.13 13.11 -0.89
C THR A 63 2.20 13.34 0.30
N VAL A 64 1.33 14.34 0.16
CA VAL A 64 0.39 14.69 1.22
C VAL A 64 -0.99 15.07 0.66
N ALA A 65 -2.05 14.74 1.39
CA ALA A 65 -3.40 15.09 0.95
C ALA A 65 -4.22 15.57 2.14
N LYS A 66 -4.92 16.68 1.96
CA LYS A 66 -5.77 17.25 3.02
C LYS A 66 -7.15 17.63 2.51
N THR A 67 -8.18 17.27 3.28
CA THR A 67 -9.55 17.64 2.91
C THR A 67 -9.89 18.96 3.61
N SER A 68 -10.56 19.84 2.88
CA SER A 68 -10.95 21.15 3.41
C SER A 68 -11.87 21.02 4.61
N PRO A 69 -11.96 22.09 5.43
CA PRO A 69 -12.84 22.06 6.62
C PRO A 69 -14.29 21.86 6.19
N SER A 70 -14.64 22.31 5.00
CA SER A 70 -16.00 22.18 4.50
C SER A 70 -16.28 20.74 4.09
N GLY A 71 -15.20 19.98 3.87
CA GLY A 71 -15.30 18.60 3.47
C GLY A 71 -15.53 18.37 1.98
N TYR A 72 -15.71 19.45 1.21
CA TYR A 72 -16.01 19.36 -0.22
C TYR A 72 -14.84 19.20 -1.18
N TYR A 73 -13.64 19.54 -0.74
CA TYR A 73 -12.48 19.45 -1.62
C TYR A 73 -11.30 18.83 -0.91
N CYS A 74 -10.42 18.22 -1.70
CA CYS A 74 -9.21 17.64 -1.16
C CYS A 74 -8.11 18.27 -1.98
N ALA A 75 -7.05 18.70 -1.31
CA ALA A 75 -5.89 19.28 -1.99
C ALA A 75 -4.77 18.25 -1.78
N SER A 76 -4.18 17.75 -2.85
CA SER A 76 -3.13 16.73 -2.70
C SER A 76 -1.90 17.14 -3.49
N GLY A 77 -0.75 16.90 -2.88
CA GLY A 77 0.50 17.26 -3.53
C GLY A 77 1.29 16.05 -4.01
N ASP A 78 2.29 16.29 -4.84
CA ASP A 78 3.12 15.20 -5.32
C ASP A 78 4.58 15.65 -5.33
N VAL A 79 5.47 14.73 -5.67
CA VAL A 79 6.90 15.04 -5.67
C VAL A 79 7.36 16.02 -6.72
N HIS A 80 6.47 16.35 -7.65
CA HIS A 80 6.78 17.27 -8.74
C HIS A 80 6.48 18.72 -8.33
N GLY A 81 5.64 18.89 -7.32
CA GLY A 81 5.32 20.24 -6.90
C GLY A 81 3.92 20.66 -7.29
N ASN A 82 3.10 19.70 -7.73
CA ASN A 82 1.72 19.98 -8.10
C ASN A 82 0.84 19.82 -6.89
N VAL A 83 -0.19 20.66 -6.80
CA VAL A 83 -1.19 20.51 -5.75
C VAL A 83 -2.49 20.48 -6.55
N ARG A 84 -3.15 19.32 -6.56
CA ARG A 84 -4.41 19.18 -7.28
C ARG A 84 -5.49 19.36 -6.25
N ILE A 85 -6.52 20.15 -6.61
CA ILE A 85 -7.64 20.39 -5.69
C ILE A 85 -8.85 19.84 -6.41
N TRP A 86 -9.45 18.82 -5.81
CA TRP A 86 -10.55 18.13 -6.46
C TRP A 86 -11.76 17.91 -5.59
N ASP A 87 -12.88 17.71 -6.27
CA ASP A 87 -14.16 17.44 -5.59
C ASP A 87 -14.10 16.08 -4.90
N THR A 88 -14.58 16.03 -3.65
CA THR A 88 -14.57 14.80 -2.85
C THR A 88 -15.95 14.17 -2.81
N THR A 89 -16.97 14.95 -3.15
CA THR A 89 -18.34 14.48 -3.04
C THR A 89 -18.85 13.46 -4.04
N GLN A 90 -18.25 13.42 -5.23
CA GLN A 90 -18.69 12.49 -6.26
C GLN A 90 -17.56 11.63 -6.79
N THR A 91 -17.91 10.43 -7.25
CA THR A 91 -16.89 9.50 -7.75
C THR A 91 -16.13 10.02 -8.96
N THR A 92 -16.67 11.03 -9.62
CA THR A 92 -15.99 11.61 -10.78
C THR A 92 -14.83 12.49 -10.34
N HIS A 93 -14.86 12.96 -9.09
CA HIS A 93 -13.79 13.79 -8.51
C HIS A 93 -13.25 14.88 -9.44
N ILE A 94 -14.15 15.62 -10.06
CA ILE A 94 -13.73 16.67 -10.98
C ILE A 94 -12.71 17.64 -10.42
N LEU A 95 -11.64 17.84 -11.18
CA LEU A 95 -10.59 18.75 -10.78
C LEU A 95 -11.04 20.21 -10.78
N LYS A 96 -10.84 20.89 -9.67
CA LYS A 96 -11.21 22.30 -9.58
C LYS A 96 -10.05 23.15 -10.10
N THR A 97 -8.85 22.84 -9.63
CA THR A 97 -7.65 23.59 -9.96
C THR A 97 -6.44 22.70 -9.74
N THR A 98 -5.38 22.91 -10.52
CA THR A 98 -4.14 22.20 -10.25
C THR A 98 -3.13 23.32 -10.34
N ILE A 99 -2.29 23.44 -9.32
CA ILE A 99 -1.33 24.52 -9.32
C ILE A 99 0.10 24.07 -9.03
N PRO A 100 1.03 24.48 -9.90
CA PRO A 100 2.43 24.10 -9.70
C PRO A 100 2.98 25.09 -8.68
N VAL A 101 2.97 24.71 -7.41
CA VAL A 101 3.42 25.61 -6.36
C VAL A 101 4.91 25.92 -6.40
N PHE A 102 5.70 24.94 -6.82
CA PHE A 102 7.15 25.11 -6.93
C PHE A 102 7.71 23.84 -7.56
N SER A 103 8.96 23.87 -7.96
CA SER A 103 9.60 22.71 -8.57
C SER A 103 10.24 21.87 -7.48
N GLY A 104 9.56 20.81 -7.05
CA GLY A 104 10.10 19.98 -6.01
C GLY A 104 8.96 19.37 -5.24
N PRO A 105 9.24 18.47 -4.28
CA PRO A 105 8.17 17.84 -3.51
C PRO A 105 7.41 18.67 -2.48
N VAL A 106 6.10 18.51 -2.51
CA VAL A 106 5.24 19.18 -1.55
C VAL A 106 5.31 18.31 -0.29
N LYS A 107 5.65 18.91 0.84
CA LYS A 107 5.74 18.15 2.09
C LYS A 107 4.51 18.31 2.99
N ASP A 108 3.87 19.48 2.97
CA ASP A 108 2.66 19.66 3.79
C ASP A 108 1.71 20.66 3.14
N ILE A 109 0.43 20.54 3.48
CA ILE A 109 -0.60 21.40 2.91
C ILE A 109 -1.54 21.79 4.05
N SER A 110 -2.01 23.03 4.04
CA SER A 110 -2.94 23.50 5.06
C SER A 110 -4.05 24.35 4.46
N TRP A 111 -5.29 24.02 4.81
CA TRP A 111 -6.45 24.80 4.37
C TRP A 111 -6.77 25.79 5.50
N ASP A 112 -7.23 26.99 5.15
CA ASP A 112 -7.58 27.94 6.18
C ASP A 112 -8.96 27.53 6.65
N SER A 113 -9.44 28.13 7.72
CA SER A 113 -10.74 27.75 8.28
C SER A 113 -11.95 28.02 7.40
N GLU A 114 -11.81 28.92 6.44
CA GLU A 114 -12.93 29.27 5.57
C GLU A 114 -12.96 28.39 4.31
N SER A 115 -12.03 27.45 4.22
CA SER A 115 -11.94 26.57 3.05
C SER A 115 -11.77 27.44 1.80
N LYS A 116 -11.01 28.53 1.95
CA LYS A 116 -10.77 29.45 0.83
C LYS A 116 -9.32 29.54 0.40
N ARG A 117 -8.40 29.32 1.34
CA ARG A 117 -6.98 29.45 1.04
C ARG A 117 -6.22 28.15 1.31
N ILE A 118 -5.09 28.00 0.65
CA ILE A 118 -4.26 26.83 0.81
C ILE A 118 -2.81 27.29 0.88
N ALA A 119 -2.08 26.78 1.87
CA ALA A 119 -0.66 27.07 2.01
C ALA A 119 -0.01 25.72 1.74
N ALA A 120 0.96 25.69 0.83
CA ALA A 120 1.64 24.43 0.54
C ALA A 120 3.12 24.68 0.69
N VAL A 121 3.82 23.74 1.32
CA VAL A 121 5.25 23.90 1.56
C VAL A 121 6.02 22.65 1.19
N GLY A 122 7.31 22.83 0.90
CA GLY A 122 8.13 21.68 0.56
C GLY A 122 9.55 22.13 0.22
N GLU A 123 10.18 21.37 -0.64
CA GLU A 123 11.53 21.62 -1.14
C GLU A 123 11.30 22.14 -2.55
N GLY A 124 11.49 23.42 -2.79
CA GLY A 124 11.24 23.93 -4.13
C GLY A 124 12.42 24.72 -4.63
N ARG A 125 12.66 24.70 -5.94
CA ARG A 125 13.79 25.43 -6.48
C ARG A 125 13.63 26.95 -6.36
N GLU A 126 12.44 27.46 -6.67
CA GLU A 126 12.23 28.89 -6.63
C GLU A 126 11.70 29.46 -5.31
N ARG A 127 11.14 28.60 -4.47
CA ARG A 127 10.62 29.00 -3.17
C ARG A 127 10.27 27.72 -2.40
N PHE A 128 10.08 27.83 -1.08
CA PHE A 128 9.76 26.66 -0.27
C PHE A 128 8.30 26.62 0.14
N GLY A 129 7.57 27.70 -0.15
CA GLY A 129 6.17 27.74 0.23
C GLY A 129 5.37 28.69 -0.64
N HIS A 130 4.06 28.44 -0.73
CA HIS A 130 3.18 29.28 -1.52
C HIS A 130 1.78 29.23 -0.88
N VAL A 131 1.11 30.39 -0.83
CA VAL A 131 -0.23 30.45 -0.26
C VAL A 131 -1.10 31.02 -1.40
N PHE A 132 -2.30 30.46 -1.60
CA PHE A 132 -3.15 30.87 -2.72
C PHE A 132 -4.62 30.51 -2.53
N LEU A 133 -5.48 30.92 -3.47
CA LEU A 133 -6.90 30.58 -3.37
C LEU A 133 -7.14 29.22 -4.03
N PHE A 134 -7.84 28.30 -3.34
CA PHE A 134 -8.08 26.93 -3.82
C PHE A 134 -8.77 26.79 -5.15
N ASP A 135 -9.65 27.73 -5.39
CA ASP A 135 -10.49 27.73 -6.56
C ASP A 135 -9.94 28.45 -7.78
N THR A 136 -8.96 29.32 -7.61
CA THR A 136 -8.43 30.01 -8.77
C THR A 136 -6.92 29.95 -8.90
N GLY A 137 -6.25 29.64 -7.79
CA GLY A 137 -4.80 29.58 -7.81
C GLY A 137 -4.22 30.97 -7.58
N THR A 138 -5.08 31.94 -7.31
CA THR A 138 -4.65 33.31 -7.06
C THR A 138 -3.73 33.43 -5.84
N SER A 139 -2.53 33.98 -6.02
CA SER A 139 -1.59 34.17 -4.89
C SER A 139 -2.21 35.02 -3.79
N ASN A 140 -2.05 34.59 -2.54
CA ASN A 140 -2.65 35.30 -1.42
C ASN A 140 -1.59 35.76 -0.44
N GLY A 141 -0.36 35.89 -0.94
CA GLY A 141 0.71 36.32 -0.09
C GLY A 141 2.05 35.80 -0.55
N ASN A 142 3.00 35.83 0.37
CA ASN A 142 4.35 35.36 0.10
C ASN A 142 4.78 34.66 1.38
N LEU A 143 5.45 33.52 1.24
CA LEU A 143 5.91 32.80 2.43
C LEU A 143 7.43 32.77 2.51
N THR A 144 8.08 33.76 1.93
CA THR A 144 9.53 33.85 1.94
C THR A 144 10.00 34.06 3.38
N GLY A 145 11.15 33.49 3.74
CA GLY A 145 11.63 33.69 5.09
C GLY A 145 12.50 32.58 5.65
N GLN A 146 12.30 31.35 5.19
CA GLN A 146 13.12 30.25 5.67
C GLN A 146 14.13 29.86 4.60
N ALA A 147 15.30 29.40 5.05
CA ALA A 147 16.42 29.09 4.17
C ALA A 147 16.54 27.70 3.57
N ARG A 148 15.74 26.76 4.05
CA ARG A 148 15.77 25.40 3.54
C ARG A 148 14.35 24.88 3.52
N ALA A 149 14.18 23.67 2.99
CA ALA A 149 12.85 23.06 2.88
C ALA A 149 11.93 23.31 4.05
N MET A 150 10.68 23.66 3.73
CA MET A 150 9.64 23.89 4.73
C MET A 150 8.93 22.55 4.77
N ASN A 151 8.91 21.95 5.97
CA ASN A 151 8.38 20.62 6.20
C ASN A 151 6.97 20.52 6.74
N SER A 152 6.49 21.59 7.33
CA SER A 152 5.17 21.55 7.96
C SER A 152 4.60 22.97 7.90
N VAL A 153 3.28 23.08 7.70
CA VAL A 153 2.65 24.39 7.63
C VAL A 153 1.25 24.27 8.22
N ASP A 154 0.73 25.36 8.79
CA ASP A 154 -0.61 25.30 9.38
C ASP A 154 -1.19 26.71 9.54
N PHE A 155 -2.47 26.84 9.20
CA PHE A 155 -3.20 28.10 9.33
C PHE A 155 -3.74 28.24 10.76
N LYS A 156 -3.82 29.48 11.25
CA LYS A 156 -4.43 29.74 12.54
C LYS A 156 -5.90 29.68 12.16
N PRO A 157 -6.71 28.84 12.84
CA PRO A 157 -8.13 28.75 12.48
C PRO A 157 -9.00 29.94 12.88
N SER A 158 -8.42 30.85 13.64
CA SER A 158 -9.16 32.02 14.09
C SER A 158 -8.51 33.32 13.67
N ARG A 159 -9.24 34.40 13.83
CA ARG A 159 -8.69 35.69 13.48
C ARG A 159 -8.06 36.31 14.71
N PRO A 160 -7.03 37.15 14.51
CA PRO A 160 -6.48 37.48 13.19
C PRO A 160 -5.74 36.27 12.60
N PHE A 161 -5.79 36.14 11.29
CA PHE A 161 -5.16 35.00 10.61
C PHE A 161 -3.64 35.00 10.58
N ARG A 162 -3.08 33.80 10.73
CA ARG A 162 -1.64 33.59 10.71
C ARG A 162 -1.35 32.25 10.05
N ILE A 163 -0.12 32.08 9.61
CA ILE A 163 0.35 30.82 9.05
C ILE A 163 1.67 30.53 9.75
N ILE A 164 1.87 29.29 10.19
CA ILE A 164 3.13 28.93 10.82
C ILE A 164 3.80 27.85 9.99
N SER A 165 5.12 27.81 10.04
CA SER A 165 5.85 26.79 9.29
C SER A 165 7.10 26.34 10.03
N GLY A 166 7.51 25.10 9.74
CA GLY A 166 8.71 24.54 10.34
C GLY A 166 9.66 24.21 9.19
N SER A 167 10.95 24.42 9.38
CA SER A 167 11.90 24.19 8.29
C SER A 167 13.17 23.43 8.65
N ASP A 168 13.86 22.94 7.62
CA ASP A 168 15.12 22.22 7.77
C ASP A 168 16.20 23.19 8.25
N ASP A 169 15.89 24.49 8.28
CA ASP A 169 16.88 25.46 8.76
C ASP A 169 16.76 25.60 10.28
N ASN A 170 15.98 24.71 10.88
CA ASN A 170 15.75 24.64 12.32
C ASN A 170 14.81 25.70 12.91
N THR A 171 14.27 26.57 12.08
CA THR A 171 13.40 27.62 12.59
C THR A 171 11.92 27.37 12.42
N VAL A 172 11.14 28.12 13.18
CA VAL A 172 9.68 28.09 13.08
C VAL A 172 9.38 29.52 12.67
N ALA A 173 8.58 29.69 11.62
CA ALA A 173 8.26 31.03 11.14
C ALA A 173 6.77 31.30 11.25
N ILE A 174 6.40 32.57 11.39
CA ILE A 174 4.99 32.90 11.46
C ILE A 174 4.75 34.03 10.49
N PHE A 175 3.61 33.97 9.80
CA PHE A 175 3.24 34.97 8.81
C PHE A 175 1.87 35.53 9.16
N GLU A 176 1.66 36.82 8.90
CA GLU A 176 0.38 37.43 9.20
C GLU A 176 -0.28 37.84 7.89
N GLY A 177 -1.61 37.84 7.88
CA GLY A 177 -2.35 38.22 6.68
C GLY A 177 -3.84 38.03 6.87
N PRO A 178 -4.61 38.07 5.77
CA PRO A 178 -4.15 38.26 4.40
C PRO A 178 -4.05 39.72 3.97
N PRO A 179 -3.20 40.02 2.98
CA PRO A 179 -2.34 39.06 2.28
C PRO A 179 -1.23 38.64 3.23
N PHE A 180 -0.74 37.41 3.09
CA PHE A 180 0.29 36.92 4.00
C PHE A 180 1.70 37.36 3.73
N LYS A 181 2.39 37.72 4.81
CA LYS A 181 3.77 38.17 4.76
C LYS A 181 4.49 37.78 6.04
N PHE A 182 5.80 37.65 5.96
CA PHE A 182 6.63 37.27 7.10
C PHE A 182 6.42 38.20 8.29
N LYS A 183 6.35 37.61 9.48
CA LYS A 183 6.20 38.38 10.71
C LYS A 183 7.42 38.12 11.60
N SER A 184 7.61 36.87 12.00
CA SER A 184 8.76 36.55 12.85
C SER A 184 9.31 35.15 12.64
N THR A 185 10.49 34.92 13.17
CA THR A 185 11.14 33.62 13.10
C THR A 185 11.46 33.29 14.54
N PHE A 186 11.56 32.01 14.86
CA PHE A 186 11.86 31.59 16.22
C PHE A 186 12.89 30.48 16.17
N GLY A 187 13.91 30.59 17.03
CA GLY A 187 14.99 29.61 17.03
C GLY A 187 15.12 28.71 18.24
N GLU A 188 14.00 28.28 18.80
CA GLU A 188 14.05 27.39 19.95
C GLU A 188 14.67 26.02 19.57
N HIS A 189 14.45 25.59 18.33
CA HIS A 189 14.95 24.28 17.91
C HIS A 189 16.40 24.27 17.43
N THR A 190 17.04 23.14 17.62
CA THR A 190 18.44 22.99 17.23
C THR A 190 18.62 22.00 16.08
N LYS A 191 17.51 21.40 15.64
CA LYS A 191 17.54 20.46 14.52
C LYS A 191 16.28 20.67 13.67
N PHE A 192 16.19 19.95 12.55
CA PHE A 192 15.05 20.09 11.64
C PHE A 192 13.72 20.17 12.39
N VAL A 193 12.85 21.10 11.99
CA VAL A 193 11.51 21.17 12.60
C VAL A 193 10.61 20.36 11.67
N HIS A 194 10.00 19.30 12.20
CA HIS A 194 9.15 18.41 11.39
C HIS A 194 7.67 18.67 11.47
N SER A 195 7.25 19.34 12.53
CA SER A 195 5.81 19.52 12.71
C SER A 195 5.41 20.74 13.51
N VAL A 196 4.51 21.55 12.94
CA VAL A 196 3.98 22.72 13.64
C VAL A 196 2.44 22.66 13.48
N ARG A 197 1.71 22.79 14.57
CA ARG A 197 0.25 22.72 14.50
C ARG A 197 -0.44 23.64 15.50
N TYR A 198 -1.50 24.29 15.04
CA TYR A 198 -2.32 25.16 15.90
C TYR A 198 -3.34 24.29 16.62
N ASN A 199 -3.79 24.73 17.79
CA ASN A 199 -4.82 23.96 18.48
C ASN A 199 -6.13 24.32 17.77
N PRO A 200 -7.24 23.64 18.14
CA PRO A 200 -8.50 23.96 17.48
C PRO A 200 -8.99 25.42 17.51
N ASP A 201 -8.88 26.10 18.65
CA ASP A 201 -9.36 27.49 18.70
C ASP A 201 -8.36 28.55 18.28
N GLY A 202 -7.17 28.10 17.87
CA GLY A 202 -6.14 29.02 17.42
C GLY A 202 -5.40 29.83 18.47
N SER A 203 -5.69 29.59 19.74
CA SER A 203 -5.02 30.34 20.82
C SER A 203 -3.57 29.94 21.04
N LEU A 204 -3.17 28.76 20.56
CA LEU A 204 -1.79 28.29 20.75
C LEU A 204 -1.35 27.40 19.59
N PHE A 205 -0.04 27.26 19.42
CA PHE A 205 0.48 26.31 18.44
C PHE A 205 1.71 25.65 19.08
N ALA A 206 2.09 24.49 18.57
CA ALA A 206 3.23 23.76 19.11
C ALA A 206 4.15 23.35 17.98
N SER A 207 5.43 23.15 18.30
CA SER A 207 6.40 22.75 17.30
C SER A 207 7.26 21.61 17.86
N THR A 208 7.81 20.80 16.98
CA THR A 208 8.69 19.73 17.41
C THR A 208 9.51 19.26 16.23
N GLY A 209 10.50 18.42 16.51
CA GLY A 209 11.33 17.95 15.42
C GLY A 209 12.46 17.04 15.85
N GLY A 210 13.57 17.11 15.12
CA GLY A 210 14.69 16.24 15.41
C GLY A 210 15.38 16.37 16.74
N ASP A 211 15.31 17.53 17.38
CA ASP A 211 15.98 17.71 18.68
C ASP A 211 15.23 17.11 19.85
N GLY A 212 14.11 16.46 19.56
CA GLY A 212 13.34 15.81 20.61
C GLY A 212 12.58 16.67 21.59
N THR A 213 12.47 17.97 21.33
CA THR A 213 11.72 18.83 22.24
C THR A 213 10.38 19.24 21.63
N ILE A 214 9.42 19.59 22.47
CA ILE A 214 8.13 20.07 21.98
C ILE A 214 7.90 21.43 22.64
N VAL A 215 7.77 22.46 21.81
CA VAL A 215 7.58 23.82 22.29
C VAL A 215 6.15 24.34 22.09
N LEU A 216 5.64 25.06 23.09
CA LEU A 216 4.29 25.63 23.01
C LEU A 216 4.42 27.15 22.85
N TYR A 217 3.59 27.75 22.01
CA TYR A 217 3.63 29.19 21.75
C TYR A 217 2.26 29.86 21.72
N ASN A 218 2.25 31.17 21.96
CA ASN A 218 1.04 31.97 21.90
C ASN A 218 0.61 32.00 20.42
N GLY A 219 -0.66 31.73 20.15
CA GLY A 219 -1.12 31.68 18.78
C GLY A 219 -1.03 32.90 17.90
N VAL A 220 -1.19 34.09 18.46
CA VAL A 220 -1.17 35.29 17.65
C VAL A 220 0.21 35.87 17.35
N ASP A 221 1.15 35.82 18.31
CA ASP A 221 2.47 36.39 18.09
C ASP A 221 3.66 35.44 18.15
N GLY A 222 3.41 34.16 18.38
CA GLY A 222 4.49 33.21 18.41
C GLY A 222 5.43 33.23 19.61
N THR A 223 5.06 33.95 20.66
CA THR A 223 5.91 34.00 21.85
C THR A 223 5.84 32.66 22.59
N LYS A 224 7.00 32.11 22.91
CA LYS A 224 7.08 30.83 23.63
C LYS A 224 6.40 30.92 25.00
N THR A 225 5.55 29.95 25.30
CA THR A 225 4.88 29.91 26.59
C THR A 225 5.43 28.79 27.47
N GLY A 226 6.10 27.81 26.86
CA GLY A 226 6.68 26.72 27.63
C GLY A 226 7.18 25.56 26.79
N VAL A 227 7.69 24.52 27.43
CA VAL A 227 8.15 23.32 26.74
C VAL A 227 7.60 22.11 27.48
N PHE A 228 7.33 21.03 26.75
CA PHE A 228 6.78 19.85 27.41
C PHE A 228 7.84 19.05 28.14
N GLU A 229 7.45 18.52 29.30
CA GLU A 229 8.38 17.75 30.10
C GLU A 229 7.96 16.33 30.39
N ASP A 230 8.95 15.44 30.32
CA ASP A 230 8.79 14.01 30.64
C ASP A 230 9.81 13.89 31.79
N ASP A 231 9.35 13.59 32.98
CA ASP A 231 10.25 13.50 34.13
C ASP A 231 11.27 12.35 34.08
N SER A 232 11.18 11.49 33.08
CA SER A 232 12.13 10.38 32.97
C SER A 232 13.30 10.74 32.05
N LEU A 233 13.19 11.88 31.37
CA LEU A 233 14.23 12.33 30.44
C LEU A 233 14.85 13.65 30.85
N LYS A 234 16.02 13.95 30.31
CA LYS A 234 16.66 15.20 30.68
C LYS A 234 16.46 16.29 29.62
N ASN A 235 15.55 17.23 29.90
CA ASN A 235 15.27 18.37 29.03
C ASN A 235 14.78 18.09 27.62
N VAL A 236 14.16 16.94 27.41
CA VAL A 236 13.62 16.59 26.11
C VAL A 236 12.29 15.89 26.33
N ALA A 237 11.43 15.95 25.31
CA ALA A 237 10.12 15.31 25.35
C ALA A 237 10.25 13.85 24.90
N HIS A 238 11.21 13.60 24.00
CA HIS A 238 11.46 12.26 23.45
C HIS A 238 12.96 12.07 23.34
N SER A 239 13.41 10.82 23.37
CA SER A 239 14.84 10.51 23.28
C SER A 239 15.31 10.32 21.84
N GLY A 240 14.50 10.79 20.91
CA GLY A 240 14.86 10.68 19.51
C GLY A 240 14.03 11.70 18.76
N SER A 241 14.21 11.77 17.45
CA SER A 241 13.49 12.71 16.61
C SER A 241 11.98 12.56 16.81
N VAL A 242 11.25 13.68 16.77
CA VAL A 242 9.79 13.65 16.89
C VAL A 242 9.31 14.07 15.50
N PHE A 243 8.68 13.14 14.80
CA PHE A 243 8.22 13.37 13.42
C PHE A 243 6.90 14.07 13.25
N GLY A 244 6.11 14.15 14.32
CA GLY A 244 4.84 14.84 14.19
C GLY A 244 4.13 14.97 15.52
N LEU A 245 3.27 15.98 15.61
CA LEU A 245 2.44 16.17 16.79
C LEU A 245 1.04 16.55 16.30
N THR A 246 0.06 16.44 17.17
CA THR A 246 -1.31 16.73 16.79
C THR A 246 -2.09 17.04 18.06
N TRP A 247 -3.12 17.87 17.96
CA TRP A 247 -3.94 18.24 19.12
C TRP A 247 -5.23 17.48 19.22
N SER A 248 -5.68 17.23 20.44
CA SER A 248 -6.96 16.53 20.66
C SER A 248 -8.05 17.51 20.23
N PRO A 249 -9.22 17.00 19.83
CA PRO A 249 -10.30 17.89 19.40
C PRO A 249 -10.65 19.00 20.40
N ASP A 250 -10.54 18.73 21.70
CA ASP A 250 -10.87 19.77 22.67
C ASP A 250 -9.70 20.65 23.05
N GLY A 251 -8.55 20.41 22.43
CA GLY A 251 -7.37 21.21 22.69
C GLY A 251 -6.67 21.00 24.02
N THR A 252 -7.15 20.09 24.85
CA THR A 252 -6.52 19.88 26.15
C THR A 252 -5.32 18.97 26.11
N LYS A 253 -5.12 18.30 24.98
CA LYS A 253 -3.98 17.39 24.86
C LYS A 253 -3.29 17.43 23.52
N ILE A 254 -2.03 16.97 23.52
CA ILE A 254 -1.23 16.87 22.31
C ILE A 254 -0.69 15.45 22.26
N ALA A 255 -0.64 14.86 21.06
CA ALA A 255 -0.08 13.53 20.89
C ALA A 255 1.12 13.70 19.96
N SER A 256 2.21 13.01 20.27
CA SER A 256 3.43 13.10 19.46
C SER A 256 3.90 11.70 19.03
N ALA A 257 4.56 11.64 17.87
CA ALA A 257 5.07 10.38 17.32
C ALA A 257 6.58 10.53 17.18
N SER A 258 7.33 9.55 17.69
CA SER A 258 8.78 9.64 17.71
C SER A 258 9.58 8.46 17.22
N ALA A 259 10.81 8.74 16.79
CA ALA A 259 11.71 7.70 16.37
C ALA A 259 12.03 6.82 17.59
N ASP A 260 11.73 7.31 18.80
CA ASP A 260 12.00 6.51 19.98
C ASP A 260 10.99 5.37 20.14
N LYS A 261 10.18 5.18 19.10
CA LYS A 261 9.18 4.09 19.04
C LYS A 261 7.99 4.25 19.98
N THR A 262 7.69 5.47 20.40
CA THR A 262 6.55 5.69 21.25
C THR A 262 5.61 6.74 20.70
N ILE A 263 4.39 6.74 21.24
CA ILE A 263 3.42 7.77 20.96
C ILE A 263 3.28 8.33 22.37
N LYS A 264 3.31 9.64 22.52
CA LYS A 264 3.12 10.20 23.86
C LYS A 264 1.96 11.16 23.86
N ILE A 265 1.17 11.13 24.92
CA ILE A 265 0.06 12.04 25.05
C ILE A 265 0.44 13.04 26.14
N TRP A 266 0.23 14.31 25.85
CA TRP A 266 0.61 15.37 26.77
C TRP A 266 -0.55 16.20 27.29
N ASN A 267 -0.42 16.64 28.53
CA ASN A 267 -1.42 17.49 29.18
C ASN A 267 -0.95 18.92 28.90
N VAL A 268 -1.69 19.63 28.06
CA VAL A 268 -1.34 20.99 27.69
C VAL A 268 -1.27 21.96 28.87
N ALA A 269 -2.23 21.87 29.78
CA ALA A 269 -2.25 22.76 30.93
C ALA A 269 -1.04 22.64 31.86
N THR A 270 -0.64 21.40 32.14
CA THR A 270 0.47 21.15 33.05
C THR A 270 1.80 21.03 32.32
N LEU A 271 1.74 20.87 31.00
CA LEU A 271 2.93 20.71 30.17
C LEU A 271 3.70 19.41 30.54
N LYS A 272 2.99 18.42 31.08
CA LYS A 272 3.63 17.16 31.47
C LYS A 272 3.11 16.01 30.64
N VAL A 273 3.94 14.98 30.45
CA VAL A 273 3.51 13.81 29.68
C VAL A 273 2.42 13.16 30.53
N GLU A 274 1.43 12.60 29.86
CA GLU A 274 0.31 11.95 30.55
C GLU A 274 0.33 10.44 30.33
N LYS A 275 0.66 10.03 29.10
CA LYS A 275 0.74 8.62 28.75
C LYS A 275 1.91 8.42 27.80
N THR A 276 2.63 7.31 27.96
CA THR A 276 3.73 6.98 27.07
C THR A 276 3.32 5.63 26.52
N ILE A 277 3.19 5.56 25.20
CA ILE A 277 2.72 4.34 24.56
C ILE A 277 3.75 3.71 23.62
N PRO A 278 4.52 2.72 24.10
CA PRO A 278 5.52 2.07 23.25
C PRO A 278 4.81 1.20 22.21
N VAL A 279 5.25 1.30 20.96
CA VAL A 279 4.66 0.54 19.87
C VAL A 279 5.38 -0.79 19.65
N GLY A 280 6.69 -0.79 19.91
CA GLY A 280 7.48 -2.00 19.74
C GLY A 280 8.93 -1.69 19.99
N THR A 281 9.80 -2.69 19.80
CA THR A 281 11.22 -2.49 20.03
C THR A 281 12.05 -2.58 18.76
N ARG A 282 11.40 -2.87 17.63
CA ARG A 282 12.12 -2.99 16.37
C ARG A 282 12.28 -1.63 15.67
N ILE A 283 13.27 -1.55 14.79
CA ILE A 283 13.52 -0.33 14.05
C ILE A 283 12.29 0.12 13.26
N GLU A 284 11.49 -0.85 12.79
CA GLU A 284 10.30 -0.54 12.02
C GLU A 284 9.19 0.04 12.89
N ASP A 285 9.34 -0.01 14.22
CA ASP A 285 8.33 0.52 15.10
C ASP A 285 8.47 2.00 15.36
N GLN A 286 9.45 2.65 14.75
CA GLN A 286 9.57 4.09 14.93
C GLN A 286 8.26 4.71 14.40
N GLN A 287 7.79 5.77 15.03
CA GLN A 287 6.55 6.42 14.60
C GLN A 287 6.89 7.63 13.76
N LEU A 288 6.36 7.65 12.53
CA LEU A 288 6.67 8.71 11.58
C LEU A 288 5.60 9.75 11.30
N GLY A 289 4.39 9.55 11.78
CA GLY A 289 3.35 10.52 11.53
C GLY A 289 2.21 10.25 12.46
N ILE A 290 1.37 11.27 12.68
CA ILE A 290 0.27 11.10 13.60
C ILE A 290 -0.82 12.12 13.35
N ILE A 291 -2.06 11.79 13.72
CA ILE A 291 -3.13 12.76 13.57
C ILE A 291 -4.25 12.36 14.52
N TRP A 292 -4.87 13.35 15.15
CA TRP A 292 -5.96 13.11 16.10
C TRP A 292 -7.21 13.72 15.51
N THR A 293 -8.22 12.89 15.29
CA THR A 293 -9.47 13.37 14.73
C THR A 293 -10.54 13.24 15.79
N LYS A 294 -11.73 13.74 15.47
CA LYS A 294 -12.86 13.66 16.41
C LYS A 294 -13.29 12.22 16.68
N GLN A 295 -12.80 11.27 15.90
CA GLN A 295 -13.18 9.88 16.11
C GLN A 295 -12.02 8.94 16.40
N ALA A 296 -10.79 9.36 16.14
CA ALA A 296 -9.65 8.49 16.42
C ALA A 296 -8.30 9.18 16.46
N LEU A 297 -7.35 8.57 17.16
CA LEU A 297 -5.98 9.05 17.24
C LEU A 297 -5.17 7.97 16.51
N VAL A 298 -4.59 8.30 15.36
CA VAL A 298 -3.82 7.33 14.60
C VAL A 298 -2.37 7.72 14.41
N SER A 299 -1.47 6.75 14.58
CA SER A 299 -0.03 6.95 14.42
C SER A 299 0.47 5.93 13.39
N ILE A 300 1.46 6.32 12.60
CA ILE A 300 1.99 5.44 11.55
C ILE A 300 3.40 4.94 11.84
N SER A 301 3.60 3.63 11.75
CA SER A 301 4.91 3.04 11.97
C SER A 301 5.77 3.16 10.71
N ALA A 302 7.07 3.03 10.87
CA ALA A 302 7.98 3.13 9.74
C ALA A 302 7.71 2.02 8.72
N ASN A 303 7.10 0.94 9.16
CA ASN A 303 6.77 -0.17 8.27
C ASN A 303 5.44 0.06 7.56
N GLY A 304 4.82 1.22 7.82
CA GLY A 304 3.57 1.56 7.18
C GLY A 304 2.32 1.18 7.97
N PHE A 305 2.48 0.40 9.04
CA PHE A 305 1.34 -0.01 9.85
C PHE A 305 0.61 1.18 10.42
N ILE A 306 -0.71 1.08 10.51
CA ILE A 306 -1.55 2.15 11.03
C ILE A 306 -1.97 1.74 12.43
N ASN A 307 -1.56 2.51 13.42
CA ASN A 307 -1.87 2.20 14.81
C ASN A 307 -2.96 3.07 15.37
N PHE A 308 -4.06 2.44 15.79
CA PHE A 308 -5.14 3.21 16.39
C PHE A 308 -4.85 3.22 17.88
N VAL A 309 -4.63 4.42 18.41
CA VAL A 309 -4.28 4.62 19.81
C VAL A 309 -5.46 4.82 20.74
N ASN A 310 -5.38 4.20 21.91
CA ASN A 310 -6.42 4.38 22.93
C ASN A 310 -5.78 5.35 23.91
N PRO A 311 -6.11 6.64 23.79
CA PRO A 311 -5.58 7.70 24.64
C PRO A 311 -5.97 7.62 26.12
N GLU A 312 -7.06 6.93 26.40
CA GLU A 312 -7.52 6.81 27.78
C GLU A 312 -6.68 5.76 28.51
N LEU A 313 -6.57 4.60 27.90
CA LEU A 313 -5.81 3.50 28.47
C LEU A 313 -4.32 3.66 28.24
N GLY A 314 -3.95 4.46 27.25
CA GLY A 314 -2.53 4.65 26.96
C GLY A 314 -1.97 3.40 26.29
N SER A 315 -2.68 2.92 25.27
CA SER A 315 -2.23 1.72 24.58
C SER A 315 -2.67 1.73 23.12
N ILE A 316 -2.31 0.67 22.40
CA ILE A 316 -2.71 0.56 21.02
C ILE A 316 -3.93 -0.35 20.95
N ASP A 317 -5.01 0.18 20.40
CA ASP A 317 -6.27 -0.58 20.21
C ASP A 317 -6.45 -1.57 19.07
N GLN A 318 -6.04 -1.13 17.86
CA GLN A 318 -6.14 -1.91 16.58
C GLN A 318 -4.85 -1.77 15.77
N VAL A 319 -4.26 -2.80 15.09
CA VAL A 319 -3.14 -2.31 14.31
C VAL A 319 -3.60 -2.74 12.90
N ARG A 320 -3.61 -1.87 11.86
CA ARG A 320 -4.01 -2.35 10.51
C ARG A 320 -2.72 -2.63 9.75
N TYR A 321 -2.59 -3.85 9.24
CA TYR A 321 -1.38 -4.20 8.51
C TYR A 321 -1.63 -4.12 7.00
N GLY A 322 -0.72 -4.71 6.24
CA GLY A 322 -0.85 -4.71 4.79
C GLY A 322 0.48 -4.51 4.10
N HIS A 323 0.41 -3.88 2.93
CA HIS A 323 1.55 -3.64 2.07
C HIS A 323 1.60 -2.20 1.58
N ASN A 324 2.81 -1.73 1.26
CA ASN A 324 2.94 -0.44 0.61
C ASN A 324 3.87 -0.67 -0.58
N LYS A 325 4.31 -1.93 -0.77
CA LYS A 325 5.14 -2.30 -1.91
C LYS A 325 4.28 -3.19 -2.81
N ALA A 326 4.70 -3.37 -4.06
CA ALA A 326 3.96 -4.16 -5.05
C ALA A 326 3.58 -5.56 -4.59
N ILE A 327 2.28 -5.91 -4.68
CA ILE A 327 1.88 -7.24 -4.29
C ILE A 327 2.16 -8.13 -5.48
N THR A 328 2.83 -9.25 -5.23
CA THR A 328 3.21 -10.14 -6.31
C THR A 328 2.54 -11.49 -6.33
N ALA A 329 1.87 -11.87 -5.24
CA ALA A 329 1.21 -13.16 -5.22
C ALA A 329 0.08 -13.20 -4.22
N LEU A 330 -0.91 -14.03 -4.53
CA LEU A 330 -2.07 -14.24 -3.67
C LEU A 330 -2.39 -15.73 -3.59
N SER A 331 -2.94 -16.16 -2.47
CA SER A 331 -3.35 -17.55 -2.30
C SER A 331 -4.35 -17.56 -1.15
N SER A 332 -5.50 -18.20 -1.37
CA SER A 332 -6.53 -18.29 -0.34
C SER A 332 -6.49 -19.67 0.32
N SER A 333 -6.96 -19.73 1.56
CA SER A 333 -6.98 -20.99 2.31
C SER A 333 -8.06 -21.93 1.76
N ALA A 334 -7.89 -23.22 2.03
CA ALA A 334 -8.85 -24.21 1.56
C ALA A 334 -10.26 -23.92 2.05
N ASP A 335 -10.38 -23.43 3.29
CA ASP A 335 -11.71 -23.15 3.83
C ASP A 335 -12.27 -21.83 3.32
N GLY A 336 -11.49 -21.12 2.50
CA GLY A 336 -11.95 -19.85 1.94
C GLY A 336 -12.16 -18.73 2.95
N LYS A 337 -11.61 -18.88 4.14
CA LYS A 337 -11.77 -17.86 5.16
C LYS A 337 -10.57 -16.92 5.23
N THR A 338 -9.44 -17.37 4.72
CA THR A 338 -8.23 -16.56 4.81
C THR A 338 -7.53 -16.31 3.49
N LEU A 339 -6.93 -15.13 3.38
CA LEU A 339 -6.19 -14.75 2.17
C LEU A 339 -4.76 -14.37 2.51
N PHE A 340 -3.80 -14.92 1.76
CA PHE A 340 -2.41 -14.59 1.96
C PHE A 340 -1.95 -13.76 0.77
N SER A 341 -1.17 -12.71 1.05
CA SER A 341 -0.64 -11.84 0.01
C SER A 341 0.83 -11.60 0.27
N ALA A 342 1.63 -11.65 -0.79
CA ALA A 342 3.08 -11.43 -0.69
C ALA A 342 3.49 -10.23 -1.53
N ASP A 343 4.60 -9.58 -1.16
CA ASP A 343 5.04 -8.44 -1.96
C ASP A 343 6.48 -8.52 -2.45
N ALA A 344 6.85 -7.47 -3.16
CA ALA A 344 8.15 -7.34 -3.79
C ALA A 344 9.32 -7.21 -2.84
N GLU A 345 9.03 -7.01 -1.56
CA GLU A 345 10.12 -6.89 -0.59
C GLU A 345 10.12 -8.04 0.40
N GLY A 346 9.41 -9.11 0.06
CA GLY A 346 9.39 -10.29 0.90
C GLY A 346 8.36 -10.37 2.01
N HIS A 347 7.55 -9.33 2.16
CA HIS A 347 6.55 -9.33 3.22
C HIS A 347 5.31 -10.11 2.85
N ILE A 348 4.69 -10.70 3.86
CA ILE A 348 3.48 -11.49 3.67
C ILE A 348 2.44 -11.14 4.74
N ASN A 349 1.18 -11.00 4.34
CA ASN A 349 0.11 -10.70 5.29
C ASN A 349 -1.00 -11.71 5.14
N SER A 350 -1.73 -11.92 6.23
CA SER A 350 -2.86 -12.81 6.25
C SER A 350 -4.06 -11.88 6.38
N TRP A 351 -5.16 -12.23 5.72
CA TRP A 351 -6.37 -11.40 5.82
C TRP A 351 -7.56 -12.30 6.06
N ASP A 352 -8.45 -11.90 6.96
CA ASP A 352 -9.67 -12.66 7.20
C ASP A 352 -10.59 -12.09 6.11
N ILE A 353 -10.94 -12.94 5.14
CA ILE A 353 -11.76 -12.51 4.01
C ILE A 353 -13.11 -11.86 4.32
N SER A 354 -13.84 -12.36 5.31
CA SER A 354 -15.15 -11.79 5.61
C SER A 354 -15.14 -10.43 6.34
N THR A 355 -14.03 -10.11 6.99
CA THR A 355 -13.93 -8.86 7.75
C THR A 355 -12.90 -7.84 7.31
N GLY A 356 -11.86 -8.29 6.64
CA GLY A 356 -10.81 -7.38 6.22
C GLY A 356 -9.71 -7.27 7.27
N ILE A 357 -9.88 -7.97 8.39
CA ILE A 357 -8.87 -7.93 9.46
C ILE A 357 -7.56 -8.52 8.96
N SER A 358 -6.48 -7.77 9.18
CA SER A 358 -5.15 -8.18 8.72
C SER A 358 -4.18 -8.62 9.82
N ASN A 359 -3.17 -9.36 9.39
CA ASN A 359 -2.11 -9.84 10.28
C ASN A 359 -0.84 -9.93 9.45
N ARG A 360 0.22 -9.29 9.94
CA ARG A 360 1.51 -9.33 9.24
C ARG A 360 2.30 -10.52 9.73
N VAL A 361 2.74 -11.34 8.80
CA VAL A 361 3.52 -12.51 9.16
C VAL A 361 4.85 -12.07 9.67
N PHE A 362 5.16 -12.52 10.87
CA PHE A 362 6.39 -12.13 11.43
C PHE A 362 6.87 -13.26 12.29
N PRO A 363 8.15 -13.61 12.15
CA PRO A 363 9.10 -12.99 11.22
C PRO A 363 8.84 -13.11 9.71
N ASP A 364 9.66 -12.37 8.95
CA ASP A 364 9.60 -12.32 7.48
C ASP A 364 10.19 -13.59 6.87
N VAL A 365 9.44 -14.23 5.96
CA VAL A 365 9.89 -15.45 5.31
C VAL A 365 11.06 -15.19 4.36
N HIS A 366 11.00 -14.08 3.62
CA HIS A 366 12.07 -13.71 2.70
C HIS A 366 12.43 -12.26 2.91
N ALA A 367 13.64 -11.90 2.49
CA ALA A 367 14.11 -10.52 2.60
C ALA A 367 14.03 -9.86 1.24
N THR A 368 13.59 -10.61 0.25
CA THR A 368 13.50 -10.05 -1.10
C THR A 368 12.31 -10.58 -1.91
N MET A 369 12.27 -10.30 -3.21
CA MET A 369 11.13 -10.76 -3.94
C MET A 369 10.75 -12.20 -3.87
N ILE A 370 9.44 -12.31 -3.69
CA ILE A 370 8.63 -13.50 -3.59
C ILE A 370 7.91 -13.55 -4.93
N THR A 371 8.12 -14.65 -5.61
CA THR A 371 7.54 -14.86 -6.93
C THR A 371 6.39 -15.85 -6.90
N GLY A 372 6.02 -16.32 -5.71
CA GLY A 372 4.90 -17.23 -5.59
C GLY A 372 4.61 -17.72 -4.19
N ILE A 373 3.34 -17.97 -3.90
CA ILE A 373 2.94 -18.48 -2.60
C ILE A 373 1.68 -19.32 -2.82
N LYS A 374 1.58 -20.42 -2.09
CA LYS A 374 0.43 -21.31 -2.20
C LYS A 374 0.09 -21.95 -0.86
N THR A 375 -1.18 -21.98 -0.51
CA THR A 375 -1.62 -22.61 0.72
C THR A 375 -1.91 -24.08 0.40
N THR A 376 -1.95 -24.92 1.43
CA THR A 376 -2.25 -26.34 1.24
C THR A 376 -3.43 -26.67 2.15
N SER A 377 -4.18 -27.71 1.81
CA SER A 377 -5.34 -28.09 2.60
C SER A 377 -5.00 -28.41 4.07
N LYS A 378 -3.72 -28.33 4.41
CA LYS A 378 -3.28 -28.61 5.78
C LYS A 378 -2.74 -27.37 6.51
N GLY A 379 -2.91 -26.20 5.89
CA GLY A 379 -2.47 -24.97 6.53
C GLY A 379 -1.05 -24.48 6.32
N ASP A 380 -0.26 -25.19 5.53
CA ASP A 380 1.09 -24.73 5.27
C ASP A 380 1.07 -23.73 4.13
N LEU A 381 2.14 -22.95 4.00
CA LEU A 381 2.23 -21.99 2.92
C LEU A 381 3.60 -22.16 2.28
N PHE A 382 3.61 -22.52 1.00
CA PHE A 382 4.87 -22.69 0.27
C PHE A 382 5.22 -21.36 -0.35
N THR A 383 6.51 -21.03 -0.47
CA THR A 383 6.89 -19.77 -1.04
C THR A 383 8.21 -19.88 -1.82
N VAL A 384 8.37 -19.03 -2.82
CA VAL A 384 9.61 -18.99 -3.59
C VAL A 384 10.00 -17.53 -3.71
N SER A 385 11.31 -17.26 -3.74
CA SER A 385 11.81 -15.89 -3.79
C SER A 385 13.08 -15.73 -4.59
N TRP A 386 13.44 -14.49 -4.89
CA TRP A 386 14.64 -14.15 -5.64
C TRP A 386 15.92 -14.42 -4.85
N ASP A 387 15.76 -14.88 -3.61
CA ASP A 387 16.93 -15.22 -2.81
C ASP A 387 17.25 -16.68 -3.12
N ASP A 388 16.68 -17.16 -4.22
CA ASP A 388 16.89 -18.53 -4.69
C ASP A 388 16.59 -19.62 -3.68
N HIS A 389 15.49 -19.44 -2.95
CA HIS A 389 15.06 -20.39 -1.95
C HIS A 389 13.59 -20.74 -2.06
N LEU A 390 13.28 -21.98 -1.74
CA LEU A 390 11.90 -22.45 -1.73
C LEU A 390 11.70 -22.78 -0.25
N LYS A 391 10.81 -22.05 0.41
CA LYS A 391 10.60 -22.29 1.82
C LYS A 391 9.19 -22.79 2.08
N VAL A 392 9.02 -23.49 3.18
CA VAL A 392 7.71 -24.02 3.57
C VAL A 392 7.41 -23.53 4.97
N VAL A 393 6.47 -22.61 5.09
CA VAL A 393 6.10 -22.07 6.39
C VAL A 393 4.95 -22.91 6.98
N PRO A 394 5.14 -23.42 8.20
CA PRO A 394 4.25 -24.27 9.05
C PRO A 394 3.25 -23.46 9.90
N ALA A 395 2.39 -24.14 10.68
CA ALA A 395 1.34 -23.45 11.48
C ALA A 395 1.44 -23.09 12.98
N GLY A 396 2.35 -23.72 13.72
CA GLY A 396 2.49 -23.52 15.16
C GLY A 396 2.37 -22.21 15.99
N GLY A 397 3.14 -21.18 15.67
CA GLY A 397 3.17 -19.97 16.47
C GLY A 397 1.86 -19.25 16.65
N SER A 398 1.17 -18.99 15.54
CA SER A 398 -0.07 -18.23 15.62
C SER A 398 -1.11 -18.43 14.50
N GLY A 399 -0.69 -19.00 13.37
CA GLY A 399 -1.60 -19.22 12.25
C GLY A 399 -0.78 -19.84 11.15
N VAL A 400 0.37 -19.20 10.87
CA VAL A 400 1.34 -19.68 9.92
C VAL A 400 2.60 -19.36 10.70
N ASP A 401 3.35 -20.39 11.05
CA ASP A 401 4.56 -20.22 11.81
C ASP A 401 5.77 -19.90 10.96
N SER A 402 6.03 -18.61 10.80
CA SER A 402 7.20 -18.18 10.07
C SER A 402 8.24 -18.22 11.16
N SER A 403 7.77 -18.66 12.33
CA SER A 403 8.63 -18.77 13.50
C SER A 403 9.89 -19.46 13.03
N LYS A 404 9.72 -20.65 12.47
CA LYS A 404 10.88 -21.40 11.98
C LYS A 404 10.50 -22.57 11.10
N ALA A 405 11.12 -22.63 9.92
CA ALA A 405 10.86 -23.72 8.98
C ALA A 405 11.85 -23.84 7.82
N VAL A 406 11.72 -24.98 7.15
CA VAL A 406 12.52 -25.42 6.01
C VAL A 406 12.80 -24.47 4.84
N ALA A 407 14.07 -24.17 4.65
CA ALA A 407 14.53 -23.33 3.53
C ALA A 407 15.39 -24.25 2.64
N ASN A 408 15.18 -24.22 1.33
CA ASN A 408 15.95 -25.07 0.41
C ASN A 408 16.58 -24.26 -0.71
N LYS A 409 17.89 -24.30 -0.85
CA LYS A 409 18.48 -23.52 -1.92
C LYS A 409 18.14 -24.14 -3.27
N LEU A 410 17.91 -23.27 -4.24
CA LEU A 410 17.57 -23.69 -5.57
C LEU A 410 18.80 -23.44 -6.42
N SER A 411 18.95 -24.21 -7.49
CA SER A 411 20.12 -24.06 -8.34
C SER A 411 20.03 -22.81 -9.23
N SER A 412 18.81 -22.36 -9.48
CA SER A 412 18.58 -21.16 -10.28
C SER A 412 17.35 -20.42 -9.73
N GLN A 413 17.19 -19.15 -10.09
CA GLN A 413 16.09 -18.32 -9.60
C GLN A 413 14.67 -18.80 -9.90
N PRO A 414 13.81 -18.88 -8.88
CA PRO A 414 12.43 -19.34 -9.08
C PRO A 414 11.55 -18.19 -9.58
N LEU A 415 10.83 -18.45 -10.68
CA LEU A 415 9.95 -17.48 -11.30
C LEU A 415 8.48 -17.81 -11.07
N GLY A 416 8.21 -19.09 -10.79
CA GLY A 416 6.83 -19.49 -10.58
C GLY A 416 6.75 -20.68 -9.65
N LEU A 417 5.58 -20.88 -9.05
CA LEU A 417 5.40 -21.97 -8.11
C LEU A 417 4.03 -22.60 -8.25
N ALA A 418 3.95 -23.92 -8.17
CA ALA A 418 2.69 -24.65 -8.22
C ALA A 418 2.78 -25.72 -7.13
N VAL A 419 1.69 -25.93 -6.42
CA VAL A 419 1.66 -26.91 -5.34
C VAL A 419 0.35 -27.66 -5.37
N SER A 420 0.38 -28.96 -5.07
CA SER A 420 -0.84 -29.74 -5.06
C SER A 420 -1.63 -29.34 -3.82
N ALA A 421 -2.94 -29.51 -3.89
CA ALA A 421 -3.81 -29.14 -2.79
C ALA A 421 -3.31 -29.64 -1.45
N ASP A 422 -3.04 -30.94 -1.37
CA ASP A 422 -2.57 -31.57 -0.15
C ASP A 422 -1.13 -31.25 0.22
N GLY A 423 -0.43 -30.54 -0.66
CA GLY A 423 0.95 -30.20 -0.39
C GLY A 423 1.95 -31.32 -0.66
N ASP A 424 1.48 -32.44 -1.19
CA ASP A 424 2.39 -33.57 -1.47
C ASP A 424 3.44 -33.24 -2.51
N ILE A 425 3.08 -32.42 -3.48
CA ILE A 425 4.02 -32.07 -4.53
C ILE A 425 4.05 -30.58 -4.81
N ALA A 426 5.26 -30.05 -4.98
CA ALA A 426 5.44 -28.64 -5.29
C ALA A 426 6.46 -28.58 -6.43
N VAL A 427 6.21 -27.70 -7.39
CA VAL A 427 7.12 -27.53 -8.51
C VAL A 427 7.43 -26.04 -8.64
N ALA A 428 8.70 -25.71 -8.78
CA ALA A 428 9.10 -24.32 -8.93
C ALA A 428 9.72 -24.19 -10.31
N ALA A 429 9.21 -23.26 -11.11
CA ALA A 429 9.76 -23.02 -12.45
C ALA A 429 10.91 -22.05 -12.26
N CYS A 430 12.13 -22.52 -12.51
CA CYS A 430 13.31 -21.69 -12.34
C CYS A 430 14.01 -21.30 -13.64
N TYR A 431 14.92 -20.35 -13.55
CA TYR A 431 15.63 -19.87 -14.72
C TYR A 431 16.33 -20.94 -15.54
N LYS A 432 16.93 -21.92 -14.88
CA LYS A 432 17.64 -22.99 -15.59
C LYS A 432 17.22 -24.39 -15.16
N HIS A 433 16.23 -24.50 -14.27
CA HIS A 433 15.80 -25.81 -13.82
C HIS A 433 14.32 -25.89 -13.49
N ILE A 434 13.83 -27.11 -13.34
CA ILE A 434 12.47 -27.36 -12.91
C ILE A 434 12.72 -28.05 -11.57
N ALA A 435 12.33 -27.41 -10.47
CA ALA A 435 12.56 -28.00 -9.15
C ALA A 435 11.31 -28.70 -8.66
N ILE A 436 11.44 -29.95 -8.25
CA ILE A 436 10.31 -30.73 -7.74
C ILE A 436 10.52 -30.98 -6.26
N TYR A 437 9.45 -30.82 -5.49
CA TYR A 437 9.52 -30.99 -4.05
C TYR A 437 8.49 -31.98 -3.54
N SER A 438 8.96 -33.19 -3.20
CA SER A 438 8.09 -34.24 -2.69
C SER A 438 8.73 -34.82 -1.43
N HIS A 439 8.18 -34.45 -0.27
CA HIS A 439 8.62 -34.90 1.04
C HIS A 439 10.11 -34.87 1.37
N GLY A 440 10.71 -33.68 1.33
CA GLY A 440 12.11 -33.54 1.69
C GLY A 440 13.09 -33.46 0.53
N LYS A 441 12.96 -34.38 -0.42
CA LYS A 441 13.85 -34.38 -1.54
C LYS A 441 13.54 -33.25 -2.49
N LEU A 442 14.51 -32.35 -2.66
CA LEU A 442 14.37 -31.27 -3.60
C LEU A 442 15.11 -31.86 -4.79
N THR A 443 14.37 -32.26 -5.81
CA THR A 443 14.97 -32.83 -7.02
C THR A 443 14.96 -31.75 -8.09
N GLU A 444 16.11 -31.44 -8.66
CA GLU A 444 16.16 -30.42 -9.70
C GLU A 444 16.50 -31.02 -11.05
N VAL A 445 15.72 -30.63 -12.06
CA VAL A 445 15.86 -31.10 -13.43
C VAL A 445 16.32 -29.97 -14.32
N PRO A 446 17.52 -30.08 -14.92
CA PRO A 446 17.90 -28.95 -15.77
C PRO A 446 17.05 -28.88 -17.03
N ILE A 447 16.80 -27.66 -17.50
CA ILE A 447 16.06 -27.44 -18.74
C ILE A 447 16.96 -26.64 -19.68
N SER A 448 16.68 -26.69 -20.98
CA SER A 448 17.52 -25.99 -21.95
C SER A 448 17.06 -24.56 -22.22
N TYR A 449 15.80 -24.29 -21.89
CA TYR A 449 15.24 -22.95 -22.08
C TYR A 449 15.15 -22.30 -20.70
N ASN A 450 14.70 -21.06 -20.65
CA ASN A 450 14.52 -20.37 -19.36
C ASN A 450 13.01 -20.37 -19.11
N SER A 451 12.59 -20.88 -17.96
CA SER A 451 11.15 -20.92 -17.68
C SER A 451 10.66 -19.59 -17.13
N SER A 452 9.34 -19.43 -17.05
CA SER A 452 8.75 -18.19 -16.59
C SER A 452 7.57 -18.44 -15.67
N CYS A 453 6.99 -19.64 -15.75
CA CYS A 453 5.82 -19.96 -14.93
C CYS A 453 5.53 -21.45 -14.93
N VAL A 454 4.63 -21.88 -14.04
CA VAL A 454 4.33 -23.30 -13.95
C VAL A 454 2.95 -23.55 -13.34
N ALA A 455 2.34 -24.65 -13.76
CA ALA A 455 1.04 -25.08 -13.24
C ALA A 455 1.07 -26.61 -13.11
N LEU A 456 0.37 -27.12 -12.10
CA LEU A 456 0.32 -28.55 -11.85
C LEU A 456 -1.14 -28.95 -11.92
N SER A 457 -1.45 -29.96 -12.72
CA SER A 457 -2.83 -30.39 -12.85
C SER A 457 -3.33 -30.91 -11.48
N ASN A 458 -4.63 -30.79 -11.28
CA ASN A 458 -5.27 -31.20 -10.03
C ASN A 458 -4.94 -32.64 -9.66
N ASP A 459 -4.89 -33.53 -10.65
CA ASP A 459 -4.59 -34.94 -10.41
C ASP A 459 -3.10 -35.24 -10.34
N LYS A 460 -2.28 -34.19 -10.35
CA LYS A 460 -0.84 -34.30 -10.25
C LYS A 460 -0.17 -35.04 -11.41
N GLN A 461 -0.89 -35.30 -12.49
CA GLN A 461 -0.29 -36.00 -13.63
C GLN A 461 0.50 -35.10 -14.58
N PHE A 462 0.09 -33.85 -14.70
CA PHE A 462 0.75 -32.92 -15.61
C PHE A 462 1.41 -31.73 -14.93
N VAL A 463 2.50 -31.27 -15.52
CA VAL A 463 3.22 -30.10 -15.07
C VAL A 463 3.38 -29.29 -16.35
N ALA A 464 2.80 -28.08 -16.38
CA ALA A 464 2.93 -27.21 -17.56
C ALA A 464 3.90 -26.08 -17.21
N VAL A 465 4.98 -25.98 -17.97
CA VAL A 465 5.99 -24.96 -17.73
C VAL A 465 6.03 -23.97 -18.89
N GLY A 466 5.69 -22.71 -18.61
CA GLY A 466 5.74 -21.69 -19.65
C GLY A 466 7.20 -21.28 -19.80
N GLY A 467 7.59 -20.96 -21.03
CA GLY A 467 8.98 -20.58 -21.25
C GLY A 467 9.22 -19.24 -21.90
N GLN A 468 10.43 -18.72 -21.73
CA GLN A 468 10.80 -17.46 -22.31
C GLN A 468 11.16 -17.72 -23.78
N ASP A 469 10.95 -18.97 -24.19
CA ASP A 469 11.19 -19.44 -25.55
C ASP A 469 9.87 -19.47 -26.35
N SER A 470 8.84 -18.85 -25.77
CA SER A 470 7.50 -18.76 -26.36
C SER A 470 6.81 -20.12 -26.49
N LYS A 471 7.19 -21.07 -25.64
CA LYS A 471 6.57 -22.39 -25.66
C LYS A 471 6.08 -22.82 -24.30
N VAL A 472 4.99 -23.59 -24.30
CA VAL A 472 4.49 -24.15 -23.05
C VAL A 472 4.92 -25.61 -23.12
N HIS A 473 5.80 -25.99 -22.21
CA HIS A 473 6.29 -27.35 -22.17
C HIS A 473 5.45 -28.15 -21.18
N VAL A 474 4.70 -29.12 -21.68
CA VAL A 474 3.83 -29.93 -20.82
C VAL A 474 4.49 -31.28 -20.54
N TYR A 475 4.66 -31.61 -19.26
CA TYR A 475 5.29 -32.86 -18.88
C TYR A 475 4.36 -33.77 -18.09
N LYS A 476 4.60 -35.07 -18.20
CA LYS A 476 3.85 -36.04 -17.41
C LYS A 476 4.77 -36.18 -16.22
N LEU A 477 4.22 -36.16 -15.02
CA LEU A 477 5.05 -36.26 -13.82
C LEU A 477 5.00 -37.63 -13.16
N SER A 478 6.13 -38.33 -13.22
CA SER A 478 6.26 -39.64 -12.59
C SER A 478 7.28 -39.50 -11.46
N GLY A 479 6.77 -39.41 -10.23
CA GLY A 479 7.64 -39.27 -9.07
C GLY A 479 8.37 -37.94 -8.98
N ALA A 480 9.70 -38.02 -9.13
CA ALA A 480 10.56 -36.85 -9.07
C ALA A 480 11.15 -36.65 -10.46
N SER A 481 10.44 -37.16 -11.46
CA SER A 481 10.90 -37.06 -12.84
C SER A 481 9.79 -36.58 -13.76
N VAL A 482 10.18 -35.86 -14.81
CA VAL A 482 9.24 -35.34 -15.78
C VAL A 482 9.64 -35.79 -17.19
N SER A 483 8.63 -35.98 -18.03
CA SER A 483 8.83 -36.40 -19.42
C SER A 483 7.93 -35.50 -20.26
N GLU A 484 8.52 -34.75 -21.18
CA GLU A 484 7.74 -33.83 -22.02
C GLU A 484 6.85 -34.56 -23.01
N VAL A 485 5.54 -34.33 -22.91
CA VAL A 485 4.59 -34.97 -23.81
C VAL A 485 3.98 -34.03 -24.83
N LYS A 486 4.19 -32.73 -24.67
CA LYS A 486 3.63 -31.78 -25.62
C LYS A 486 4.34 -30.44 -25.49
N THR A 487 4.62 -29.82 -26.63
CA THR A 487 5.27 -28.52 -26.65
C THR A 487 4.32 -27.63 -27.43
N ILE A 488 3.76 -26.64 -26.76
CA ILE A 488 2.80 -25.73 -27.38
C ILE A 488 3.47 -24.41 -27.76
N VAL A 489 3.27 -23.98 -29.00
CA VAL A 489 3.88 -22.75 -29.49
C VAL A 489 2.98 -21.52 -29.45
N HIS A 490 3.50 -20.44 -28.90
CA HIS A 490 2.82 -19.16 -28.80
C HIS A 490 3.62 -18.16 -29.62
N PRO A 491 3.03 -16.98 -29.89
CA PRO A 491 3.66 -15.90 -30.67
C PRO A 491 4.72 -15.13 -29.88
N ALA A 492 4.71 -15.29 -28.56
CA ALA A 492 5.65 -14.59 -27.69
C ALA A 492 5.86 -15.36 -26.39
N GLU A 493 6.74 -14.84 -25.53
CA GLU A 493 7.07 -15.48 -24.26
C GLU A 493 5.84 -15.74 -23.38
N ILE A 494 5.81 -16.91 -22.75
CA ILE A 494 4.68 -17.25 -21.88
C ILE A 494 4.79 -16.45 -20.58
N THR A 495 3.67 -15.97 -20.07
CA THR A 495 3.68 -15.19 -18.84
C THR A 495 2.96 -15.87 -17.66
N SER A 496 1.96 -16.69 -17.95
CA SER A 496 1.26 -17.43 -16.89
C SER A 496 0.54 -18.63 -17.47
N VAL A 497 0.28 -19.63 -16.62
CA VAL A 497 -0.41 -20.85 -17.01
C VAL A 497 -1.27 -21.35 -15.86
N ALA A 498 -2.31 -22.09 -16.21
CA ALA A 498 -3.21 -22.64 -15.21
C ALA A 498 -4.06 -23.78 -15.77
N PHE A 499 -4.27 -24.81 -14.96
CA PHE A 499 -5.11 -25.96 -15.34
C PHE A 499 -6.43 -25.75 -14.61
N SER A 500 -7.54 -26.10 -15.26
CA SER A 500 -8.83 -26.00 -14.59
C SER A 500 -8.84 -27.14 -13.56
N ASN A 501 -9.60 -26.99 -12.48
CA ASN A 501 -9.62 -28.03 -11.45
C ASN A 501 -10.04 -29.41 -11.96
N ASN A 502 -10.89 -29.46 -12.98
CA ASN A 502 -11.32 -30.76 -13.49
C ASN A 502 -10.39 -31.34 -14.55
N GLY A 503 -9.27 -30.67 -14.78
CA GLY A 503 -8.32 -31.15 -15.77
C GLY A 503 -8.76 -31.08 -17.21
N ALA A 504 -9.90 -30.44 -17.47
CA ALA A 504 -10.39 -30.33 -18.83
C ALA A 504 -9.55 -29.39 -19.69
N PHE A 505 -9.11 -28.27 -19.10
CA PHE A 505 -8.35 -27.27 -19.84
C PHE A 505 -7.03 -26.81 -19.22
N LEU A 506 -6.14 -26.36 -20.11
CA LEU A 506 -4.87 -25.76 -19.72
C LEU A 506 -4.93 -24.41 -20.42
N VAL A 507 -4.62 -23.33 -19.73
CA VAL A 507 -4.63 -22.03 -20.39
C VAL A 507 -3.26 -21.40 -20.21
N ALA A 508 -2.80 -20.69 -21.24
CA ALA A 508 -1.50 -20.00 -21.17
C ALA A 508 -1.67 -18.57 -21.71
N THR A 509 -0.99 -17.61 -21.10
CA THR A 509 -1.06 -16.23 -21.58
C THR A 509 0.36 -15.87 -22.01
N ASP A 510 0.52 -14.85 -22.85
CA ASP A 510 1.86 -14.47 -23.30
C ASP A 510 2.08 -12.96 -23.45
N GLN A 511 3.32 -12.56 -23.71
CA GLN A 511 3.65 -11.15 -23.82
C GLN A 511 3.01 -10.42 -25.00
N SER A 512 2.40 -11.16 -25.93
CA SER A 512 1.76 -10.52 -27.07
C SER A 512 0.31 -10.18 -26.71
N ARG A 513 -0.02 -10.30 -25.43
CA ARG A 513 -1.35 -9.99 -24.89
C ARG A 513 -2.42 -11.04 -25.19
N LYS A 514 -1.99 -12.23 -25.58
CA LYS A 514 -2.94 -13.27 -25.92
C LYS A 514 -3.21 -14.27 -24.78
N VAL A 515 -4.43 -14.79 -24.75
CA VAL A 515 -4.88 -15.78 -23.76
C VAL A 515 -5.36 -16.98 -24.59
N ILE A 516 -4.74 -18.13 -24.39
CA ILE A 516 -5.07 -19.30 -25.19
C ILE A 516 -5.34 -20.57 -24.40
N PRO A 517 -6.57 -21.09 -24.48
CA PRO A 517 -6.94 -22.31 -23.77
C PRO A 517 -6.78 -23.54 -24.66
N TYR A 518 -6.43 -24.66 -24.05
CA TYR A 518 -6.22 -25.92 -24.75
C TYR A 518 -7.01 -27.06 -24.12
N SER A 519 -7.47 -27.98 -24.96
CA SER A 519 -8.22 -29.14 -24.49
C SER A 519 -7.22 -30.23 -24.12
N VAL A 520 -7.13 -30.51 -22.82
CA VAL A 520 -6.20 -31.52 -22.32
C VAL A 520 -6.43 -32.90 -22.91
N ALA A 521 -7.69 -33.32 -22.95
CA ALA A 521 -8.03 -34.64 -23.47
C ALA A 521 -7.70 -34.79 -24.94
N ASN A 522 -7.63 -33.67 -25.65
CA ASN A 522 -7.34 -33.72 -27.08
C ASN A 522 -5.91 -33.31 -27.42
N ASN A 523 -4.96 -33.92 -26.71
CA ASN A 523 -3.55 -33.65 -26.91
C ASN A 523 -3.23 -32.17 -26.90
N PHE A 524 -3.92 -31.45 -26.01
CA PHE A 524 -3.70 -30.02 -25.86
C PHE A 524 -3.92 -29.19 -27.12
N GLU A 525 -4.91 -29.57 -27.93
CA GLU A 525 -5.22 -28.81 -29.13
C GLU A 525 -5.97 -27.56 -28.67
N LEU A 526 -6.05 -26.57 -29.54
CA LEU A 526 -6.76 -25.33 -29.21
C LEU A 526 -8.18 -25.69 -28.77
N ALA A 527 -8.64 -25.09 -27.68
CA ALA A 527 -9.99 -25.37 -27.18
C ALA A 527 -11.02 -24.64 -28.04
N HIS A 528 -10.58 -23.54 -28.64
CA HIS A 528 -11.43 -22.77 -29.54
C HIS A 528 -10.50 -21.97 -30.44
N THR A 529 -11.04 -21.40 -31.51
CA THR A 529 -10.18 -20.65 -32.43
C THR A 529 -10.39 -19.15 -32.40
N ASN A 530 -11.08 -18.65 -31.38
CA ASN A 530 -11.31 -17.22 -31.30
C ASN A 530 -10.06 -16.52 -30.79
N SER A 531 -9.91 -15.25 -31.16
CA SER A 531 -8.73 -14.50 -30.75
C SER A 531 -8.99 -13.78 -29.43
N TRP A 532 -8.47 -14.34 -28.34
CA TRP A 532 -8.66 -13.72 -27.03
C TRP A 532 -7.52 -12.75 -26.76
N THR A 533 -7.53 -11.67 -27.53
CA THR A 533 -6.55 -10.61 -27.50
C THR A 533 -7.23 -9.27 -27.17
N PHE A 534 -7.79 -9.17 -25.96
CA PHE A 534 -8.48 -7.95 -25.55
C PHE A 534 -7.62 -7.07 -24.64
N HIS A 535 -6.64 -7.68 -23.97
CA HIS A 535 -5.72 -6.90 -23.13
C HIS A 535 -4.88 -6.04 -24.07
N THR A 536 -4.50 -4.87 -23.61
CA THR A 536 -3.69 -3.95 -24.41
C THR A 536 -2.24 -3.87 -23.95
N ALA A 537 -1.88 -4.76 -23.04
CA ALA A 537 -0.52 -4.83 -22.52
C ALA A 537 -0.30 -6.23 -21.98
N LYS A 538 0.96 -6.56 -21.70
CA LYS A 538 1.35 -7.88 -21.18
C LYS A 538 0.38 -8.43 -20.14
N VAL A 539 0.01 -9.69 -20.32
CA VAL A 539 -0.88 -10.36 -19.38
C VAL A 539 0.05 -10.87 -18.27
N ALA A 540 -0.30 -10.58 -17.02
CA ALA A 540 0.55 -10.96 -15.90
C ALA A 540 0.13 -12.22 -15.14
N CYS A 541 -1.16 -12.55 -15.15
CA CYS A 541 -1.62 -13.69 -14.38
C CYS A 541 -2.91 -14.27 -14.94
N VAL A 542 -3.21 -15.50 -14.52
CA VAL A 542 -4.44 -16.16 -14.95
C VAL A 542 -4.92 -17.10 -13.86
N SER A 543 -6.23 -17.32 -13.80
CA SER A 543 -6.79 -18.21 -12.80
C SER A 543 -8.16 -18.71 -13.23
N TRP A 544 -8.44 -19.98 -12.93
CA TRP A 544 -9.72 -20.57 -13.29
C TRP A 544 -10.77 -20.50 -12.19
N SER A 545 -12.01 -20.29 -12.62
CA SER A 545 -13.15 -20.30 -11.68
C SER A 545 -13.33 -21.76 -11.27
N PRO A 546 -13.92 -22.00 -10.09
CA PRO A 546 -14.11 -23.39 -9.66
C PRO A 546 -15.06 -24.14 -10.60
N ASP A 547 -15.83 -23.41 -11.42
CA ASP A 547 -16.75 -24.08 -12.32
C ASP A 547 -16.11 -24.65 -13.58
N ASN A 548 -14.79 -24.52 -13.67
CA ASN A 548 -14.05 -25.06 -14.81
C ASN A 548 -14.48 -24.52 -16.17
N VAL A 549 -15.14 -23.36 -16.18
CA VAL A 549 -15.62 -22.75 -17.41
C VAL A 549 -15.19 -21.30 -17.60
N ARG A 550 -15.18 -20.54 -16.52
CA ARG A 550 -14.77 -19.15 -16.62
C ARG A 550 -13.36 -19.03 -16.09
N LEU A 551 -12.67 -17.99 -16.52
CA LEU A 551 -11.31 -17.75 -16.06
C LEU A 551 -11.10 -16.26 -16.09
N ALA A 552 -10.05 -15.81 -15.40
CA ALA A 552 -9.77 -14.39 -15.33
C ALA A 552 -8.28 -14.15 -15.53
N THR A 553 -7.99 -12.99 -16.09
CA THR A 553 -6.60 -12.58 -16.31
C THR A 553 -6.40 -11.17 -15.78
N GLY A 554 -5.16 -10.90 -15.34
CA GLY A 554 -4.80 -9.59 -14.84
C GLY A 554 -3.68 -9.15 -15.75
N SER A 555 -3.62 -7.86 -16.04
CA SER A 555 -2.63 -7.34 -16.98
C SER A 555 -1.97 -6.03 -16.55
N LEU A 556 -0.85 -5.73 -17.20
CA LEU A 556 -0.16 -4.48 -16.98
C LEU A 556 -1.03 -3.36 -17.51
N ASP A 557 -2.11 -3.69 -18.24
CA ASP A 557 -2.98 -2.63 -18.77
C ASP A 557 -3.98 -2.11 -17.72
N ASN A 558 -3.80 -2.58 -16.49
CA ASN A 558 -4.59 -2.18 -15.33
C ASN A 558 -5.92 -2.90 -15.21
N SER A 559 -6.22 -3.79 -16.15
CA SER A 559 -7.52 -4.45 -16.10
C SER A 559 -7.53 -5.90 -15.68
N VAL A 560 -8.73 -6.38 -15.36
CA VAL A 560 -8.98 -7.77 -15.02
C VAL A 560 -10.02 -8.07 -16.12
N ILE A 561 -9.90 -9.23 -16.74
CA ILE A 561 -10.86 -9.62 -17.80
C ILE A 561 -11.37 -11.02 -17.45
N VAL A 562 -12.69 -11.20 -17.53
CA VAL A 562 -13.27 -12.50 -17.23
C VAL A 562 -13.68 -13.12 -18.56
N TRP A 563 -13.21 -14.34 -18.80
CA TRP A 563 -13.49 -15.04 -20.05
C TRP A 563 -14.42 -16.22 -19.82
N ASN A 564 -15.14 -16.61 -20.88
CA ASN A 564 -16.11 -17.70 -20.79
C ASN A 564 -15.88 -18.77 -21.86
N MET A 565 -15.40 -19.94 -21.43
CA MET A 565 -15.09 -21.04 -22.33
C MET A 565 -16.31 -21.54 -23.12
N ASN A 566 -17.52 -21.34 -22.58
CA ASN A 566 -18.71 -21.82 -23.27
C ASN A 566 -19.20 -20.90 -24.42
N LYS A 567 -18.64 -19.69 -24.53
CA LYS A 567 -19.00 -18.70 -25.58
C LYS A 567 -17.69 -17.98 -25.95
N PRO A 568 -16.78 -18.67 -26.63
CA PRO A 568 -15.49 -18.07 -27.02
C PRO A 568 -15.57 -16.87 -27.95
N SER A 569 -16.70 -16.71 -28.65
CA SER A 569 -16.88 -15.60 -29.58
C SER A 569 -17.52 -14.40 -28.90
N ASP A 570 -17.99 -14.58 -27.67
CA ASP A 570 -18.58 -13.47 -26.92
C ASP A 570 -17.49 -12.50 -26.48
N HIS A 571 -17.88 -11.26 -26.28
CA HIS A 571 -16.95 -10.25 -25.78
C HIS A 571 -16.80 -10.61 -24.31
N PRO A 572 -15.56 -10.62 -23.78
CA PRO A 572 -15.33 -10.96 -22.37
C PRO A 572 -15.77 -9.79 -21.48
N ILE A 573 -15.74 -9.99 -20.17
CA ILE A 573 -16.12 -8.92 -19.26
C ILE A 573 -14.82 -8.22 -18.92
N ILE A 574 -14.72 -6.94 -19.27
CA ILE A 574 -13.50 -6.20 -19.01
C ILE A 574 -13.67 -5.21 -17.87
N ILE A 575 -12.98 -5.45 -16.77
CA ILE A 575 -13.04 -4.54 -15.63
C ILE A 575 -11.89 -3.55 -15.90
N LYS A 576 -12.20 -2.48 -16.63
CA LYS A 576 -11.21 -1.49 -16.99
C LYS A 576 -10.74 -0.70 -15.77
N GLY A 577 -9.44 -0.41 -15.71
CA GLY A 577 -8.92 0.35 -14.58
C GLY A 577 -9.15 -0.33 -13.25
N ALA A 578 -9.16 -1.67 -13.24
CA ALA A 578 -9.36 -2.45 -12.03
C ALA A 578 -8.43 -1.92 -10.95
N HIS A 579 -7.17 -1.70 -11.32
CA HIS A 579 -6.18 -1.12 -10.42
C HIS A 579 -5.63 0.07 -11.19
N ALA A 580 -6.08 1.27 -10.83
CA ALA A 580 -5.69 2.49 -11.56
C ALA A 580 -4.19 2.72 -11.64
N MET A 581 -3.72 2.96 -12.87
CA MET A 581 -2.30 3.24 -13.11
C MET A 581 -1.41 2.14 -12.53
N SER A 582 -1.95 0.92 -12.45
CA SER A 582 -1.20 -0.18 -11.86
C SER A 582 -1.42 -1.52 -12.54
N SER A 583 -0.35 -2.33 -12.61
CA SER A 583 -0.46 -3.66 -13.19
C SER A 583 -1.24 -4.54 -12.20
N VAL A 584 -2.00 -5.51 -12.73
CA VAL A 584 -2.75 -6.42 -11.86
C VAL A 584 -1.85 -7.66 -11.89
N ASN A 585 -1.18 -7.92 -10.78
CA ASN A 585 -0.22 -9.01 -10.73
C ASN A 585 -0.74 -10.38 -10.32
N SER A 586 -1.89 -10.43 -9.67
CA SER A 586 -2.45 -11.70 -9.23
C SER A 586 -3.97 -11.64 -9.21
N VAL A 587 -4.59 -12.73 -9.61
CA VAL A 587 -6.05 -12.84 -9.59
C VAL A 587 -6.37 -14.26 -9.19
N ILE A 588 -7.38 -14.44 -8.35
CA ILE A 588 -7.77 -15.78 -7.94
C ILE A 588 -9.29 -15.72 -7.77
N TRP A 589 -9.96 -16.88 -7.84
CA TRP A 589 -11.41 -16.95 -7.65
C TRP A 589 -11.71 -17.55 -6.28
N LEU A 590 -12.63 -16.92 -5.54
CA LEU A 590 -13.03 -17.40 -4.23
C LEU A 590 -14.21 -18.36 -4.38
N ASN A 591 -14.98 -18.15 -5.43
CA ASN A 591 -16.11 -18.99 -5.77
C ASN A 591 -16.46 -18.65 -7.22
N GLU A 592 -17.49 -19.26 -7.76
CA GLU A 592 -17.82 -19.02 -9.16
C GLU A 592 -18.24 -17.63 -9.58
N THR A 593 -18.43 -16.73 -8.62
CA THR A 593 -18.83 -15.37 -9.00
C THR A 593 -18.03 -14.32 -8.25
N THR A 594 -16.94 -14.72 -7.62
CA THR A 594 -16.12 -13.80 -6.85
C THR A 594 -14.65 -13.88 -7.19
N ILE A 595 -14.08 -12.75 -7.59
CA ILE A 595 -12.67 -12.68 -7.94
C ILE A 595 -11.93 -11.72 -7.00
N VAL A 596 -10.68 -12.03 -6.69
CA VAL A 596 -9.88 -11.16 -5.85
C VAL A 596 -8.67 -10.84 -6.70
N SER A 597 -8.30 -9.57 -6.75
CA SER A 597 -7.13 -9.15 -7.54
C SER A 597 -6.18 -8.35 -6.68
N ALA A 598 -4.91 -8.33 -7.05
CA ALA A 598 -3.92 -7.59 -6.27
C ALA A 598 -3.02 -6.91 -7.28
N GLY A 599 -2.59 -5.69 -6.96
CA GLY A 599 -1.75 -4.97 -7.90
C GLY A 599 -0.42 -4.41 -7.46
N GLN A 600 0.27 -3.85 -8.44
CA GLN A 600 1.55 -3.21 -8.21
C GLN A 600 1.30 -2.06 -7.21
N ASP A 601 0.02 -1.64 -7.12
CA ASP A 601 -0.38 -0.54 -6.25
C ASP A 601 -0.60 -0.88 -4.77
N SER A 602 -0.36 -2.13 -4.39
CA SER A 602 -0.52 -2.58 -3.01
C SER A 602 -1.95 -2.78 -2.58
N ASN A 603 -2.87 -2.68 -3.54
CA ASN A 603 -4.31 -2.86 -3.21
C ASN A 603 -4.80 -4.26 -3.52
N ILE A 604 -5.76 -4.73 -2.73
CA ILE A 604 -6.36 -6.04 -2.94
C ILE A 604 -7.83 -5.71 -3.09
N LYS A 605 -8.39 -6.07 -4.25
CA LYS A 605 -9.79 -5.79 -4.52
C LYS A 605 -10.64 -7.01 -4.76
N PHE A 606 -11.88 -6.96 -4.28
CA PHE A 606 -12.79 -8.08 -4.44
C PHE A 606 -13.86 -7.69 -5.44
N TRP A 607 -14.14 -8.58 -6.38
CA TRP A 607 -15.10 -8.30 -7.45
C TRP A 607 -16.21 -9.32 -7.54
N ASN A 608 -17.44 -8.81 -7.61
CA ASN A 608 -18.59 -9.67 -7.77
C ASN A 608 -18.85 -9.69 -9.27
N VAL A 609 -18.79 -10.88 -9.87
CA VAL A 609 -19.03 -10.98 -11.30
C VAL A 609 -20.09 -12.03 -11.55
N PRO A 610 -21.35 -11.60 -11.71
CA PRO A 610 -22.41 -12.57 -11.95
C PRO A 610 -22.27 -13.22 -13.32
N PHE A 611 -23.06 -14.27 -13.55
CA PHE A 611 -23.04 -14.95 -14.84
C PHE A 611 -23.79 -14.10 -15.85
MN MN B . -4.83 23.08 10.49
#